data_9IOY
#
_entry.id   9IOY
#
_cell.length_a   146.956
_cell.length_b   146.956
_cell.length_c   146.956
_cell.angle_alpha   90.00
_cell.angle_beta   90.00
_cell.angle_gamma   90.00
#
_symmetry.space_group_name_H-M   'P 21 3'
#
loop_
_entity.id
_entity.type
_entity.pdbx_description
1 polymer 'Rieske (2Fe-2S) domain protein'
2 non-polymer 'FE2/S2 (INORGANIC) CLUSTER'
3 non-polymer 'FE (II) ION'
4 non-polymer 'benzene-1,3-dicarboxylic acid'
#
_entity_poly.entity_id   1
_entity_poly.type   'polypeptide(L)'
_entity_poly.pdbx_seq_one_letter_code
;MGSSHHHHHHSSENLYFQGHMASMNKEMSETLTRVGPNTRMGNLLRRYWVPALMSSEIAEADGPQVRVQLLGEKLLAFRN
TDGKACLISEFCSHRGVSLYFGRNEENGIRCAYHGVKFDGDGQCVDVPSSPQSCARMHIKGYPCVERGGIVWTYMGPEEH
KPSPPELEWCTLPPEHVFVSKRLQYSNWLQAMEGGIDTAHVSYVHRFEVDTDPMHQGVKALDYIKADGNVKFEIEQTPFG
LSLFGRRNGEPDSYYWRITQWLFPWFTLIAPFGNHALGGHVWVPIDDHNCWAWSINWQPDQPLTKEERQSMEEGKGIHVE
YEEPGSFIPKANRNNDYGMDRVAQREERSYSGIFGFSAQDYSLQESMGPIQDHAAERLLPTDKAIVMARRMLNEAALGLE
QGETPPALDASEQHVRPAGVLLPRDQDPVAWAREELADATKKPVFSL
;
_entity_poly.pdbx_strand_id   A
#
# COMPACT_ATOMS: atom_id res chain seq x y z
N GLU A 13 -21.69 10.17 5.20
CA GLU A 13 -21.46 11.60 4.88
C GLU A 13 -21.89 11.85 3.43
N ASN A 14 -22.57 12.96 3.16
CA ASN A 14 -23.04 13.31 1.80
C ASN A 14 -21.81 13.56 0.91
N LEU A 15 -21.98 13.47 -0.41
CA LEU A 15 -20.79 13.59 -1.30
C LEU A 15 -20.35 15.05 -1.42
N TYR A 16 -21.32 15.97 -1.41
CA TYR A 16 -21.00 17.39 -1.60
C TYR A 16 -21.69 18.18 -0.49
N PHE A 17 -20.92 19.04 0.18
CA PHE A 17 -21.50 20.04 1.08
C PHE A 17 -21.17 21.42 0.54
N GLN A 18 -22.18 22.30 0.49
CA GLN A 18 -21.95 23.70 0.07
C GLN A 18 -21.28 23.78 -1.31
N GLY A 19 -21.49 22.78 -2.18
CA GLY A 19 -20.97 22.92 -3.54
C GLY A 19 -19.55 22.37 -3.66
N HIS A 20 -18.74 22.58 -2.62
CA HIS A 20 -17.46 21.93 -2.42
C HIS A 20 -17.71 20.49 -1.98
N MET A 21 -16.69 19.66 -2.12
CA MET A 21 -16.79 18.30 -1.67
C MET A 21 -16.81 18.34 -0.15
N ALA A 22 -17.13 17.18 0.42
CA ALA A 22 -17.51 17.10 1.81
C ALA A 22 -16.31 16.61 2.59
N SER A 23 -15.98 17.35 3.66
CA SER A 23 -15.03 16.92 4.68
C SER A 23 -15.64 15.74 5.43
N MET A 24 -14.75 14.96 6.04
CA MET A 24 -15.23 13.83 6.79
C MET A 24 -15.74 14.36 8.13
N ASN A 25 -16.89 13.82 8.59
CA ASN A 25 -17.36 14.05 9.95
C ASN A 25 -16.45 13.32 10.94
N LYS A 26 -16.69 13.52 12.24
CA LYS A 26 -16.04 12.75 13.30
C LYS A 26 -16.22 11.24 13.09
N GLU A 27 -17.45 10.75 13.29
CA GLU A 27 -17.74 9.33 13.18
C GLU A 27 -17.02 8.74 11.97
N MET A 28 -17.17 9.39 10.81
CA MET A 28 -16.61 8.85 9.57
C MET A 28 -15.08 8.79 9.69
N SER A 29 -14.47 9.91 10.04
CA SER A 29 -13.02 9.93 10.20
C SER A 29 -12.51 8.69 10.95
N GLU A 30 -13.15 8.35 12.06
CA GLU A 30 -12.75 7.20 12.87
C GLU A 30 -13.20 5.90 12.20
N THR A 31 -14.41 5.81 11.64
CA THR A 31 -14.70 4.60 10.88
C THR A 31 -13.44 4.19 10.11
N LEU A 32 -12.96 5.15 9.31
CA LEU A 32 -11.86 4.91 8.40
C LEU A 32 -10.53 4.77 9.13
N THR A 33 -10.13 5.69 10.01
CA THR A 33 -8.73 5.70 10.49
C THR A 33 -8.50 4.71 11.62
N ARG A 34 -9.51 4.44 12.45
CA ARG A 34 -9.37 3.45 13.49
C ARG A 34 -9.44 2.04 12.90
N VAL A 35 -8.32 1.30 13.04
CA VAL A 35 -8.06 0.05 12.35
C VAL A 35 -7.66 -1.04 13.34
N GLY A 36 -7.90 -0.78 14.64
CA GLY A 36 -7.58 -1.74 15.69
C GLY A 36 -8.40 -3.03 15.56
N PRO A 37 -8.07 -4.09 16.34
CA PRO A 37 -8.87 -5.32 16.37
C PRO A 37 -10.29 -5.00 16.79
N ASN A 38 -11.23 -5.39 15.93
CA ASN A 38 -12.66 -5.34 16.17
C ASN A 38 -13.24 -3.95 15.97
N THR A 39 -12.65 -3.12 15.12
CA THR A 39 -13.27 -1.87 14.73
C THR A 39 -13.71 -1.92 13.28
N ARG A 40 -14.54 -0.94 12.87
CA ARG A 40 -15.20 -0.98 11.57
C ARG A 40 -14.25 -1.22 10.42
N MET A 41 -13.25 -0.33 10.31
CA MET A 41 -12.21 -0.44 9.31
C MET A 41 -11.37 -1.68 9.62
N GLY A 42 -11.08 -1.90 10.91
CA GLY A 42 -10.36 -3.08 11.35
C GLY A 42 -10.96 -4.35 10.77
N ASN A 43 -12.28 -4.52 10.96
CA ASN A 43 -12.94 -5.75 10.57
C ASN A 43 -12.93 -5.79 9.03
N LEU A 44 -13.28 -4.68 8.38
CA LEU A 44 -13.27 -4.59 6.93
C LEU A 44 -11.90 -4.98 6.35
N LEU A 45 -10.84 -4.30 6.74
CA LEU A 45 -9.54 -4.55 6.14
C LEU A 45 -9.03 -5.96 6.41
N ARG A 46 -9.51 -6.60 7.48
CA ARG A 46 -9.02 -7.91 7.87
C ARG A 46 -9.49 -8.97 6.88
N ARG A 47 -10.61 -8.69 6.19
CA ARG A 47 -11.19 -9.59 5.20
C ARG A 47 -10.28 -9.78 3.99
N TYR A 48 -9.29 -8.91 3.81
CA TYR A 48 -8.40 -8.97 2.65
C TYR A 48 -7.05 -9.51 3.07
N TRP A 49 -6.33 -10.12 2.11
CA TRP A 49 -4.98 -10.61 2.40
C TRP A 49 -4.11 -9.42 2.73
N VAL A 50 -3.38 -9.52 3.84
CA VAL A 50 -2.62 -8.38 4.31
C VAL A 50 -1.14 -8.57 4.00
N PRO A 51 -0.49 -7.64 3.28
CA PRO A 51 0.95 -7.76 3.06
C PRO A 51 1.73 -7.57 4.37
N ALA A 52 2.08 -8.70 4.99
CA ALA A 52 2.72 -8.70 6.29
C ALA A 52 4.15 -8.22 6.19
N LEU A 53 4.95 -9.01 5.52
CA LEU A 53 6.40 -8.99 5.68
C LEU A 53 6.99 -9.41 4.35
N MET A 54 8.12 -8.86 3.94
CA MET A 54 8.79 -9.42 2.76
C MET A 54 9.27 -10.83 3.09
N SER A 55 9.16 -11.73 2.12
CA SER A 55 9.79 -13.04 2.22
C SER A 55 11.30 -12.90 2.45
N SER A 56 11.93 -11.88 1.84
CA SER A 56 13.37 -11.68 2.01
C SER A 56 13.73 -11.48 3.48
N GLU A 57 12.74 -11.29 4.35
CA GLU A 57 13.00 -11.11 5.77
C GLU A 57 13.17 -12.48 6.45
N ILE A 58 12.24 -13.41 6.24
CA ILE A 58 12.33 -14.73 6.85
C ILE A 58 12.75 -15.72 5.78
N ALA A 59 13.80 -15.39 5.02
CA ALA A 59 14.12 -16.14 3.81
C ALA A 59 14.43 -17.59 4.20
N GLU A 60 15.07 -17.75 5.36
CA GLU A 60 15.56 -19.05 5.80
C GLU A 60 14.46 -19.79 6.57
N ALA A 61 14.42 -21.12 6.43
CA ALA A 61 13.58 -21.92 7.31
C ALA A 61 14.26 -22.00 8.67
N ASP A 62 13.44 -22.10 9.74
CA ASP A 62 13.90 -22.08 11.14
C ASP A 62 14.77 -20.83 11.41
N GLY A 63 14.44 -19.72 10.74
CA GLY A 63 15.27 -18.53 10.77
C GLY A 63 14.78 -17.56 11.84
N PRO A 64 15.50 -16.43 12.07
CA PRO A 64 15.02 -15.36 12.95
C PRO A 64 13.56 -14.98 12.66
N GLN A 65 12.69 -15.28 13.63
CA GLN A 65 11.36 -14.71 13.71
C GLN A 65 11.39 -13.17 13.80
N VAL A 66 10.52 -12.51 13.02
CA VAL A 66 10.57 -11.08 12.86
C VAL A 66 9.23 -10.52 13.34
N ARG A 67 9.32 -9.51 14.21
CA ARG A 67 8.19 -8.90 14.87
C ARG A 67 7.51 -7.96 13.89
N VAL A 68 6.23 -8.22 13.60
CA VAL A 68 5.46 -7.39 12.69
C VAL A 68 4.12 -7.13 13.37
N GLN A 69 3.72 -5.86 13.38
CA GLN A 69 2.39 -5.50 13.91
C GLN A 69 1.56 -5.06 12.72
N LEU A 70 0.41 -5.68 12.52
CA LEU A 70 -0.45 -5.34 11.42
C LEU A 70 -1.82 -5.00 11.99
N LEU A 71 -2.46 -3.95 11.50
CA LEU A 71 -3.81 -3.65 11.92
C LEU A 71 -3.93 -3.65 13.44
N GLY A 72 -2.95 -3.04 14.14
CA GLY A 72 -2.92 -2.96 15.59
C GLY A 72 -2.87 -4.32 16.28
N GLU A 73 -2.35 -5.34 15.60
CA GLU A 73 -2.17 -6.67 16.17
C GLU A 73 -0.70 -7.03 16.13
N LYS A 74 0.01 -6.95 17.27
CA LYS A 74 1.39 -7.37 17.34
C LYS A 74 1.42 -8.86 16.98
N LEU A 75 2.21 -9.19 15.95
CA LEU A 75 2.33 -10.55 15.46
C LEU A 75 3.80 -10.90 15.20
N LEU A 76 4.05 -12.18 14.95
CA LEU A 76 5.39 -12.69 14.74
C LEU A 76 5.40 -13.57 13.50
N ALA A 77 6.47 -13.46 12.72
CA ALA A 77 6.54 -14.03 11.39
C ALA A 77 7.76 -14.92 11.31
N PHE A 78 7.57 -16.19 10.95
CA PHE A 78 8.68 -17.11 10.85
C PHE A 78 8.44 -18.08 9.70
N ARG A 79 9.54 -18.69 9.25
CA ARG A 79 9.45 -19.76 8.27
C ARG A 79 9.70 -21.09 8.98
N ASN A 80 8.62 -21.86 9.14
CA ASN A 80 8.67 -23.13 9.84
C ASN A 80 9.80 -23.97 9.25
N THR A 81 10.18 -25.04 9.95
CA THR A 81 11.25 -25.88 9.47
C THR A 81 11.00 -26.25 7.99
N ASP A 82 9.72 -26.47 7.66
CA ASP A 82 9.28 -26.99 6.38
C ASP A 82 9.44 -25.98 5.24
N GLY A 83 9.52 -24.70 5.56
CA GLY A 83 9.59 -23.70 4.51
C GLY A 83 8.29 -22.93 4.39
N LYS A 84 7.40 -23.06 5.39
CA LYS A 84 6.11 -22.39 5.41
C LYS A 84 6.22 -21.08 6.18
N ALA A 85 6.09 -19.97 5.47
CA ALA A 85 6.01 -18.70 6.14
C ALA A 85 4.71 -18.61 6.95
N CYS A 86 4.84 -18.40 8.26
CA CYS A 86 3.69 -18.39 9.17
C CYS A 86 3.56 -17.03 9.83
N LEU A 87 2.40 -16.75 10.43
CA LEU A 87 2.27 -15.55 11.22
C LEU A 87 1.53 -15.89 12.51
N ILE A 88 2.22 -15.82 13.66
CA ILE A 88 1.56 -16.11 14.91
C ILE A 88 1.48 -14.83 15.70
N SER A 89 0.61 -14.81 16.72
CA SER A 89 0.67 -13.74 17.70
C SER A 89 2.05 -13.74 18.37
N GLU A 90 2.45 -12.59 18.91
CA GLU A 90 3.80 -12.40 19.43
C GLU A 90 3.86 -12.85 20.88
N PHE A 91 2.70 -13.04 21.53
CA PHE A 91 2.69 -13.24 22.97
C PHE A 91 2.18 -14.62 23.33
N CYS A 92 3.02 -15.32 24.10
CA CYS A 92 2.76 -16.63 24.67
C CYS A 92 1.52 -16.61 25.57
N SER A 93 0.75 -17.70 25.58
CA SER A 93 -0.47 -17.79 26.38
C SER A 93 -0.15 -17.96 27.85
N HIS A 94 1.02 -18.54 28.15
CA HIS A 94 1.32 -18.95 29.50
C HIS A 94 1.45 -17.72 30.39
N ARG A 95 2.42 -16.84 30.10
CA ARG A 95 2.56 -15.62 30.90
C ARG A 95 2.87 -14.38 30.06
N GLY A 96 2.57 -14.47 28.77
CA GLY A 96 2.48 -13.28 27.94
C GLY A 96 3.86 -12.78 27.60
N VAL A 97 4.85 -13.65 27.76
CA VAL A 97 6.16 -13.35 27.24
C VAL A 97 6.06 -13.27 25.71
N SER A 98 6.93 -12.43 25.13
CA SER A 98 7.20 -12.45 23.70
C SER A 98 7.78 -13.79 23.23
N LEU A 99 7.09 -14.36 22.23
CA LEU A 99 7.56 -15.55 21.54
C LEU A 99 8.72 -15.20 20.62
N TYR A 100 9.00 -13.89 20.50
CA TYR A 100 10.18 -13.42 19.80
C TYR A 100 11.41 -14.18 20.29
N PHE A 101 11.38 -14.47 21.60
CA PHE A 101 12.48 -15.11 22.32
C PHE A 101 12.31 -16.61 22.37
N GLY A 102 11.18 -17.09 21.86
CA GLY A 102 10.97 -18.51 21.62
C GLY A 102 11.98 -19.09 20.62
N ARG A 103 11.76 -20.38 20.28
CA ARG A 103 12.66 -21.10 19.40
C ARG A 103 11.94 -21.48 18.11
N ASN A 104 12.37 -20.91 17.00
CA ASN A 104 11.81 -21.32 15.72
C ASN A 104 12.47 -22.62 15.30
N GLU A 105 11.77 -23.75 15.51
CA GLU A 105 12.34 -25.05 15.22
C GLU A 105 11.24 -26.09 15.33
N GLU A 106 11.43 -27.18 14.59
CA GLU A 106 10.52 -28.30 14.61
C GLU A 106 9.11 -27.79 14.32
N ASN A 107 9.02 -26.99 13.25
CA ASN A 107 7.75 -26.56 12.69
C ASN A 107 6.91 -25.89 13.77
N GLY A 108 7.58 -25.02 14.53
CA GLY A 108 6.89 -24.28 15.57
C GLY A 108 7.87 -23.33 16.25
N ILE A 109 7.29 -22.50 17.14
CA ILE A 109 8.02 -21.56 17.96
C ILE A 109 7.78 -21.94 19.40
N ARG A 110 8.81 -22.45 20.09
CA ARG A 110 8.70 -22.82 21.50
C ARG A 110 9.16 -21.68 22.40
N CYS A 111 8.20 -21.09 23.15
CA CYS A 111 8.49 -19.95 24.01
C CYS A 111 9.54 -20.31 25.08
N ALA A 112 10.36 -19.31 25.42
CA ALA A 112 11.59 -19.55 26.14
C ALA A 112 11.33 -19.68 27.65
N TYR A 113 10.15 -19.31 28.13
CA TYR A 113 10.00 -19.32 29.62
C TYR A 113 9.76 -20.73 30.10
N HIS A 114 8.59 -21.33 29.82
CA HIS A 114 8.31 -22.64 30.39
C HIS A 114 8.01 -23.68 29.32
N GLY A 115 8.57 -23.42 28.13
CA GLY A 115 8.76 -24.36 27.04
C GLY A 115 7.52 -24.61 26.18
N VAL A 116 6.46 -23.80 26.34
CA VAL A 116 5.26 -23.99 25.55
C VAL A 116 5.57 -23.72 24.08
N LYS A 117 5.04 -24.55 23.15
CA LYS A 117 5.38 -24.49 21.73
C LYS A 117 4.15 -24.17 20.90
N PHE A 118 4.34 -23.39 19.83
CA PHE A 118 3.26 -22.94 18.98
C PHE A 118 3.49 -23.37 17.53
N ASP A 119 2.39 -23.84 16.95
CA ASP A 119 2.37 -24.25 15.56
C ASP A 119 2.42 -22.95 14.78
N GLY A 120 2.77 -23.06 13.49
CA GLY A 120 2.60 -21.96 12.55
C GLY A 120 1.14 -21.47 12.54
N ASP A 121 0.21 -22.42 12.50
CA ASP A 121 -1.21 -22.12 12.58
C ASP A 121 -1.58 -21.59 13.97
N GLY A 122 -0.61 -21.58 14.89
CA GLY A 122 -0.77 -20.97 16.19
C GLY A 122 -1.37 -21.94 17.21
N GLN A 123 -1.36 -23.24 16.86
CA GLN A 123 -1.81 -24.27 17.80
C GLN A 123 -0.65 -24.55 18.76
N CYS A 124 -0.99 -25.02 19.96
CA CYS A 124 0.03 -25.42 20.90
C CYS A 124 0.49 -26.86 20.66
N VAL A 125 1.60 -27.00 19.92
CA VAL A 125 2.18 -28.31 19.64
C VAL A 125 2.31 -29.03 20.98
N ASP A 126 3.13 -28.47 21.89
CA ASP A 126 3.58 -29.13 23.11
C ASP A 126 3.52 -28.20 24.32
N VAL A 127 2.75 -28.58 25.35
CA VAL A 127 2.75 -27.82 26.64
C VAL A 127 3.45 -28.76 27.62
N PRO A 128 4.68 -28.46 28.05
CA PRO A 128 5.40 -29.39 28.90
C PRO A 128 4.67 -29.63 30.19
N SER A 129 4.24 -28.56 30.84
CA SER A 129 3.58 -28.67 32.16
C SER A 129 2.38 -29.63 32.08
N SER A 130 1.27 -29.17 31.50
CA SER A 130 0.06 -30.00 31.43
C SER A 130 -0.24 -30.34 29.97
N PRO A 131 0.24 -31.47 29.40
CA PRO A 131 -0.12 -31.77 28.01
C PRO A 131 -1.61 -31.75 27.72
N GLN A 132 -2.42 -32.04 28.74
CA GLN A 132 -3.86 -32.02 28.62
C GLN A 132 -4.26 -30.59 28.23
N SER A 133 -3.58 -29.58 28.78
CA SER A 133 -4.04 -28.21 28.61
C SER A 133 -3.56 -27.58 27.28
N CYS A 134 -3.29 -28.38 26.22
CA CYS A 134 -2.80 -27.80 24.97
C CYS A 134 -3.82 -26.84 24.33
N ALA A 135 -5.11 -27.23 24.34
CA ALA A 135 -6.09 -26.53 23.54
C ALA A 135 -6.43 -25.17 24.16
N ARG A 136 -6.08 -24.95 25.42
CA ARG A 136 -6.31 -23.64 26.03
C ARG A 136 -5.25 -22.64 25.56
N MET A 137 -4.04 -23.14 25.26
CA MET A 137 -2.94 -22.24 24.93
C MET A 137 -3.01 -21.75 23.50
N HIS A 138 -3.96 -22.21 22.72
CA HIS A 138 -3.97 -21.81 21.28
C HIS A 138 -3.88 -20.29 21.15
N ILE A 139 -2.88 -19.79 20.42
CA ILE A 139 -2.74 -18.36 20.13
C ILE A 139 -3.23 -18.08 18.71
N LYS A 140 -3.15 -16.79 18.34
CA LYS A 140 -3.57 -16.30 17.03
C LYS A 140 -2.49 -16.59 15.99
N GLY A 141 -2.69 -17.67 15.20
CA GLY A 141 -1.88 -17.99 14.03
C GLY A 141 -2.74 -17.84 12.78
N TYR A 142 -2.29 -17.06 11.82
CA TYR A 142 -3.08 -16.66 10.66
C TYR A 142 -2.44 -17.12 9.36
N PRO A 143 -3.21 -17.70 8.40
CA PRO A 143 -2.62 -18.30 7.19
C PRO A 143 -1.85 -17.32 6.31
N CYS A 144 -0.99 -17.85 5.43
CA CYS A 144 -0.10 -16.99 4.65
C CYS A 144 0.05 -17.48 3.19
N VAL A 145 0.55 -16.64 2.28
CA VAL A 145 0.98 -17.09 0.95
C VAL A 145 2.13 -16.21 0.49
N GLU A 146 2.64 -16.50 -0.71
CA GLU A 146 3.98 -16.05 -1.03
C GLU A 146 4.01 -15.19 -2.30
N ARG A 147 2.89 -14.53 -2.64
CA ARG A 147 2.83 -13.68 -3.82
C ARG A 147 3.62 -12.39 -3.64
N GLY A 148 4.27 -11.89 -4.71
CA GLY A 148 4.83 -10.53 -4.73
C GLY A 148 6.29 -10.49 -4.27
N GLY A 149 6.73 -11.58 -3.63
CA GLY A 149 7.90 -11.57 -2.79
C GLY A 149 7.53 -11.10 -1.39
N ILE A 150 6.22 -10.89 -1.20
CA ILE A 150 5.63 -10.47 0.07
C ILE A 150 4.90 -11.64 0.73
N VAL A 151 5.06 -11.78 2.04
CA VAL A 151 4.26 -12.74 2.78
C VAL A 151 2.92 -12.06 3.02
N TRP A 152 1.85 -12.69 2.51
CA TRP A 152 0.50 -12.20 2.68
C TRP A 152 -0.19 -13.03 3.74
N THR A 153 -0.80 -12.39 4.74
CA THR A 153 -1.54 -13.11 5.75
C THR A 153 -3.01 -12.72 5.66
N TYR A 154 -3.84 -13.69 6.11
CA TYR A 154 -5.28 -13.55 6.20
C TYR A 154 -5.73 -13.55 7.67
N MET A 155 -6.39 -12.46 8.08
CA MET A 155 -6.69 -12.20 9.49
C MET A 155 -8.20 -12.18 9.77
N GLY A 156 -9.02 -12.18 8.72
CA GLY A 156 -10.47 -12.12 8.87
C GLY A 156 -10.99 -13.52 9.19
N PRO A 157 -12.30 -13.70 9.50
CA PRO A 157 -12.80 -14.99 9.96
C PRO A 157 -12.37 -16.09 8.99
N GLU A 158 -12.22 -17.32 9.50
CA GLU A 158 -11.63 -18.39 8.71
C GLU A 158 -12.41 -18.56 7.41
N GLU A 159 -13.74 -18.52 7.52
CA GLU A 159 -14.68 -18.86 6.46
C GLU A 159 -14.59 -17.86 5.30
N HIS A 160 -14.28 -16.59 5.57
CA HIS A 160 -14.28 -15.52 4.57
C HIS A 160 -12.87 -15.23 4.05
N LYS A 161 -11.99 -16.24 4.16
CA LYS A 161 -10.66 -16.24 3.56
C LYS A 161 -10.78 -16.17 2.03
N PRO A 162 -10.34 -15.09 1.36
CA PRO A 162 -10.48 -14.97 -0.09
C PRO A 162 -9.32 -15.59 -0.86
N SER A 163 -9.35 -15.40 -2.19
CA SER A 163 -8.33 -15.92 -3.07
C SER A 163 -7.13 -15.00 -2.92
N PRO A 164 -5.89 -15.51 -2.77
CA PRO A 164 -4.72 -14.64 -2.81
C PRO A 164 -4.83 -13.60 -3.93
N PRO A 165 -4.33 -12.38 -3.69
CA PRO A 165 -4.45 -11.29 -4.66
C PRO A 165 -3.73 -11.54 -5.98
N GLU A 166 -4.31 -11.09 -7.09
CA GLU A 166 -3.74 -11.43 -8.39
C GLU A 166 -3.37 -10.16 -9.17
N LEU A 167 -2.99 -9.09 -8.47
CA LEU A 167 -2.41 -7.93 -9.12
C LEU A 167 -1.29 -8.40 -10.05
N GLU A 168 -1.11 -7.70 -11.17
CA GLU A 168 -0.06 -8.03 -12.12
C GLU A 168 1.29 -8.26 -11.43
N TRP A 169 1.62 -7.50 -10.38
CA TRP A 169 2.94 -7.66 -9.80
C TRP A 169 2.97 -8.84 -8.86
N CYS A 170 1.80 -9.29 -8.38
CA CYS A 170 1.76 -10.53 -7.63
C CYS A 170 2.17 -11.71 -8.52
N THR A 171 1.75 -11.69 -9.80
CA THR A 171 1.70 -12.88 -10.67
C THR A 171 2.91 -12.98 -11.59
N LEU A 172 3.39 -11.84 -12.11
CA LEU A 172 4.54 -11.80 -13.00
C LEU A 172 5.73 -12.46 -12.31
N PRO A 173 6.70 -12.99 -13.09
CA PRO A 173 7.93 -13.56 -12.53
C PRO A 173 8.60 -12.61 -11.53
N PRO A 174 9.23 -13.13 -10.44
CA PRO A 174 9.91 -12.27 -9.46
C PRO A 174 10.91 -11.28 -10.09
N GLU A 175 11.64 -11.69 -11.14
CA GLU A 175 12.65 -10.84 -11.73
C GLU A 175 11.98 -9.64 -12.40
N HIS A 176 10.64 -9.70 -12.56
CA HIS A 176 9.86 -8.66 -13.20
C HIS A 176 9.36 -7.61 -12.19
N VAL A 177 9.39 -7.94 -10.91
CA VAL A 177 8.80 -7.06 -9.89
C VAL A 177 9.91 -6.64 -8.95
N PHE A 178 9.71 -5.46 -8.33
CA PHE A 178 10.54 -4.99 -7.24
C PHE A 178 9.63 -4.47 -6.12
N VAL A 179 9.95 -4.86 -4.87
CA VAL A 179 9.10 -4.53 -3.75
C VAL A 179 9.95 -3.96 -2.64
N SER A 180 9.47 -2.85 -2.06
CA SER A 180 10.03 -2.31 -0.83
C SER A 180 8.93 -1.84 0.10
N LYS A 181 9.18 -1.94 1.40
CA LYS A 181 8.40 -1.26 2.40
C LYS A 181 9.24 -0.10 2.94
N ARG A 182 8.49 0.90 3.42
CA ARG A 182 9.11 2.07 4.06
C ARG A 182 8.24 2.35 5.28
N LEU A 183 8.84 2.50 6.46
CA LEU A 183 8.08 2.78 7.68
C LEU A 183 7.65 4.25 7.70
N GLN A 184 6.34 4.52 7.69
CA GLN A 184 5.88 5.91 7.68
C GLN A 184 5.00 6.15 8.91
N TYR A 185 5.31 7.28 9.59
CA TYR A 185 4.74 7.56 10.90
C TYR A 185 3.45 8.33 10.71
N SER A 186 2.46 7.66 10.11
CA SER A 186 1.17 8.29 9.90
C SER A 186 0.19 7.19 9.57
N ASN A 187 -1.09 7.50 9.70
CA ASN A 187 -2.13 6.51 9.53
C ASN A 187 -2.03 6.12 8.07
N TRP A 188 -2.64 4.98 7.73
CA TRP A 188 -2.63 4.49 6.36
C TRP A 188 -3.37 5.43 5.39
N LEU A 189 -4.55 5.92 5.78
CA LEU A 189 -5.43 6.64 4.87
C LEU A 189 -4.68 7.76 4.15
N GLN A 190 -4.20 8.76 4.89
CA GLN A 190 -3.56 9.92 4.29
C GLN A 190 -2.48 9.49 3.28
N ALA A 191 -1.69 8.51 3.73
CA ALA A 191 -0.51 8.04 3.02
C ALA A 191 -0.95 7.49 1.69
N MET A 192 -2.06 6.74 1.71
CA MET A 192 -2.72 6.18 0.54
C MET A 192 -3.29 7.31 -0.28
N GLU A 193 -3.90 8.28 0.37
CA GLU A 193 -4.53 9.36 -0.36
C GLU A 193 -3.52 10.00 -1.32
N GLY A 194 -2.25 10.10 -0.92
CA GLY A 194 -1.21 10.66 -1.77
C GLY A 194 -1.02 9.90 -3.09
N GLY A 195 -1.40 8.62 -3.10
CA GLY A 195 -1.33 7.82 -4.32
C GLY A 195 -2.50 8.15 -5.23
N ILE A 196 -3.66 8.46 -4.62
CA ILE A 196 -4.86 8.80 -5.37
C ILE A 196 -5.05 10.31 -5.45
N ASP A 197 -3.97 11.06 -5.64
CA ASP A 197 -4.10 12.48 -5.89
C ASP A 197 -3.03 12.95 -6.86
N THR A 198 -3.27 12.81 -8.17
CA THR A 198 -2.22 13.02 -9.16
C THR A 198 -1.81 14.50 -9.19
N ALA A 199 -2.72 15.38 -8.77
CA ALA A 199 -2.45 16.79 -8.76
C ALA A 199 -1.13 17.14 -8.06
N HIS A 200 -0.79 16.38 -7.03
CA HIS A 200 0.36 16.70 -6.21
C HIS A 200 1.64 16.48 -7.02
N VAL A 201 1.54 15.61 -8.04
CA VAL A 201 2.70 15.23 -8.82
C VAL A 201 3.18 16.46 -9.57
N SER A 202 2.22 17.30 -9.96
CA SER A 202 2.58 18.56 -10.56
C SER A 202 3.45 19.37 -9.60
N TYR A 203 2.94 19.64 -8.40
CA TYR A 203 3.57 20.63 -7.52
C TYR A 203 4.83 20.03 -6.86
N VAL A 204 4.66 19.04 -5.97
CA VAL A 204 5.72 18.67 -5.04
C VAL A 204 6.80 17.85 -5.73
N HIS A 205 6.46 17.17 -6.83
CA HIS A 205 7.39 16.34 -7.56
C HIS A 205 7.86 17.06 -8.84
N ARG A 206 7.48 18.32 -8.99
CA ARG A 206 7.72 19.07 -10.20
C ARG A 206 9.10 18.78 -10.80
N PHE A 207 10.16 19.06 -10.03
CA PHE A 207 11.49 19.03 -10.59
C PHE A 207 12.09 17.62 -10.47
N GLU A 208 11.54 16.81 -9.55
CA GLU A 208 12.13 15.52 -9.21
C GLU A 208 11.92 14.54 -10.35
N VAL A 209 10.82 14.73 -11.11
CA VAL A 209 10.45 13.88 -12.24
C VAL A 209 11.51 13.94 -13.34
N ASP A 210 12.17 15.08 -13.52
CA ASP A 210 13.27 15.18 -14.46
C ASP A 210 14.49 14.35 -14.03
N THR A 211 14.79 14.45 -12.73
CA THR A 211 16.00 13.91 -12.13
C THR A 211 15.90 12.40 -11.96
N ASP A 212 14.75 11.90 -11.52
CA ASP A 212 14.62 10.50 -11.14
C ASP A 212 14.67 9.58 -12.37
N PRO A 213 15.21 8.35 -12.27
CA PRO A 213 15.29 7.46 -13.43
C PRO A 213 14.00 6.74 -13.85
N MET A 214 12.99 6.73 -12.98
CA MET A 214 11.76 6.03 -13.29
C MET A 214 10.73 7.01 -13.86
N HIS A 215 11.01 8.32 -13.81
CA HIS A 215 10.01 9.29 -14.24
C HIS A 215 10.52 10.15 -15.39
N GLN A 216 11.84 10.10 -15.70
CA GLN A 216 12.54 11.11 -16.48
C GLN A 216 12.34 10.98 -18.00
N GLY A 217 12.48 12.14 -18.68
CA GLY A 217 12.57 12.27 -20.13
C GLY A 217 11.39 11.68 -20.91
N VAL A 218 10.17 11.83 -20.39
CA VAL A 218 8.98 11.30 -21.04
C VAL A 218 8.01 12.45 -21.29
N LYS A 219 7.40 12.50 -22.48
CA LYS A 219 6.58 13.64 -22.90
C LYS A 219 5.48 13.99 -21.89
N ALA A 220 5.02 12.99 -21.11
CA ALA A 220 4.06 13.19 -20.03
C ALA A 220 4.48 14.30 -19.06
N LEU A 221 5.78 14.40 -18.77
CA LEU A 221 6.29 15.35 -17.81
C LEU A 221 5.91 16.78 -18.21
N ASP A 222 6.17 17.13 -19.47
CA ASP A 222 5.75 18.42 -19.98
C ASP A 222 4.33 18.74 -19.50
N TYR A 223 3.38 17.79 -19.66
CA TYR A 223 1.95 17.99 -19.45
C TYR A 223 1.60 18.18 -17.98
N ILE A 224 2.33 17.40 -17.15
CA ILE A 224 2.24 17.36 -15.70
C ILE A 224 2.71 18.68 -15.13
N LYS A 225 3.97 19.02 -15.45
CA LYS A 225 4.57 20.26 -15.01
C LYS A 225 3.96 21.44 -15.78
N ALA A 226 2.65 21.45 -15.93
CA ALA A 226 1.96 22.46 -16.70
C ALA A 226 0.60 22.61 -16.04
N ASP A 227 -0.33 21.76 -16.45
CA ASP A 227 -1.65 21.83 -15.86
C ASP A 227 -1.73 20.94 -14.63
N GLY A 228 -1.53 21.59 -13.48
CA GLY A 228 -1.65 20.94 -12.19
C GLY A 228 -3.11 20.70 -11.80
N ASN A 229 -4.02 21.49 -12.37
CA ASN A 229 -5.46 21.40 -12.02
C ASN A 229 -6.05 20.14 -12.64
N VAL A 230 -6.04 19.06 -11.87
CA VAL A 230 -6.52 17.81 -12.40
C VAL A 230 -8.03 17.72 -12.18
N LYS A 231 -8.72 17.52 -13.31
CA LYS A 231 -10.12 17.21 -13.28
C LYS A 231 -10.14 15.69 -13.26
N PHE A 232 -10.93 15.15 -12.35
CA PHE A 232 -10.99 13.72 -12.11
C PHE A 232 -12.33 13.15 -12.59
N GLU A 233 -12.23 12.03 -13.29
CA GLU A 233 -13.37 11.18 -13.55
C GLU A 233 -13.16 9.85 -12.82
N ILE A 234 -14.10 9.48 -11.95
CA ILE A 234 -13.98 8.25 -11.19
C ILE A 234 -14.99 7.24 -11.73
N GLU A 235 -14.51 6.04 -12.03
CA GLU A 235 -15.43 4.99 -12.42
C GLU A 235 -15.33 3.91 -11.37
N GLN A 236 -16.47 3.49 -10.83
CA GLN A 236 -16.46 2.38 -9.89
C GLN A 236 -16.35 1.05 -10.64
N THR A 237 -15.23 0.36 -10.43
CA THR A 237 -15.07 -1.02 -10.89
C THR A 237 -15.31 -1.99 -9.73
N PRO A 238 -15.45 -3.30 -10.00
CA PRO A 238 -15.52 -4.27 -8.90
C PRO A 238 -14.18 -4.52 -8.22
N PHE A 239 -13.09 -3.94 -8.75
CA PHE A 239 -11.77 -4.04 -8.14
C PHE A 239 -11.46 -2.81 -7.31
N GLY A 240 -12.24 -1.73 -7.52
CA GLY A 240 -12.23 -0.57 -6.66
C GLY A 240 -12.78 0.66 -7.40
N LEU A 241 -11.88 1.56 -7.82
CA LEU A 241 -12.24 2.76 -8.55
C LEU A 241 -11.20 3.00 -9.64
N SER A 242 -11.65 3.27 -10.86
CA SER A 242 -10.76 3.79 -11.89
C SER A 242 -10.79 5.30 -11.81
N LEU A 243 -9.60 5.88 -11.70
CA LEU A 243 -9.43 7.31 -11.56
C LEU A 243 -8.83 7.90 -12.85
N PHE A 244 -9.68 8.56 -13.66
CA PHE A 244 -9.22 9.26 -14.85
C PHE A 244 -8.84 10.71 -14.51
N GLY A 245 -7.56 10.94 -14.25
CA GLY A 245 -7.13 12.24 -13.79
C GLY A 245 -6.81 13.07 -15.01
N ARG A 246 -7.72 13.97 -15.35
CA ARG A 246 -7.53 14.74 -16.56
C ARG A 246 -6.60 15.91 -16.27
N ARG A 247 -5.69 16.17 -17.22
CA ARG A 247 -4.79 17.34 -17.14
C ARG A 247 -4.56 17.86 -18.58
N ASN A 248 -4.78 19.15 -18.83
CA ASN A 248 -4.60 19.78 -20.12
C ASN A 248 -3.28 19.28 -20.72
N GLY A 249 -3.40 18.37 -21.71
CA GLY A 249 -2.25 17.71 -22.31
C GLY A 249 -1.72 18.53 -23.47
N GLU A 250 -2.41 18.46 -24.61
CA GLU A 250 -2.18 19.32 -25.77
C GLU A 250 -3.46 20.12 -26.02
N PRO A 251 -3.42 21.27 -26.76
CA PRO A 251 -4.63 22.05 -26.98
C PRO A 251 -5.83 21.27 -27.55
N ASP A 252 -5.55 20.17 -28.24
CA ASP A 252 -6.57 19.35 -28.88
C ASP A 252 -6.92 18.18 -27.94
N SER A 253 -6.03 17.87 -26.97
CA SER A 253 -6.11 16.62 -26.22
C SER A 253 -5.86 16.82 -24.73
N TYR A 254 -6.40 15.87 -23.98
CA TYR A 254 -6.15 15.78 -22.55
C TYR A 254 -5.19 14.60 -22.27
N TYR A 255 -4.28 14.84 -21.32
CA TYR A 255 -3.42 13.80 -20.78
C TYR A 255 -4.13 13.14 -19.60
N TRP A 256 -4.84 12.06 -19.87
CA TRP A 256 -5.47 11.32 -18.80
C TRP A 256 -4.45 10.45 -18.09
N ARG A 257 -4.38 10.59 -16.77
CA ARG A 257 -3.55 9.75 -15.94
C ARG A 257 -4.47 8.81 -15.17
N ILE A 258 -4.49 7.58 -15.64
CA ILE A 258 -5.47 6.64 -15.17
C ILE A 258 -4.81 5.81 -14.08
N THR A 259 -5.17 6.13 -12.83
CA THR A 259 -4.63 5.42 -11.69
C THR A 259 -5.73 4.49 -11.17
N GLN A 260 -5.42 3.18 -11.12
CA GLN A 260 -6.33 2.20 -10.55
C GLN A 260 -6.13 2.17 -9.04
N TRP A 261 -7.22 2.45 -8.31
CA TRP A 261 -7.28 2.16 -6.88
C TRP A 261 -7.88 0.79 -6.61
N LEU A 262 -7.02 -0.19 -6.31
CA LEU A 262 -7.48 -1.53 -6.02
C LEU A 262 -7.82 -1.58 -4.53
N PHE A 263 -9.13 -1.64 -4.26
CA PHE A 263 -9.65 -1.63 -2.91
C PHE A 263 -8.99 -2.75 -2.12
N PRO A 264 -8.68 -2.58 -0.81
CA PRO A 264 -8.73 -1.28 -0.12
C PRO A 264 -7.47 -0.45 -0.02
N TRP A 265 -6.33 -0.93 -0.51
CA TRP A 265 -5.08 -0.19 -0.21
C TRP A 265 -4.03 -0.15 -1.31
N PHE A 266 -4.29 -0.61 -2.52
CA PHE A 266 -3.20 -0.69 -3.51
C PHE A 266 -3.39 0.27 -4.63
N THR A 267 -2.42 1.18 -4.83
CA THR A 267 -2.52 1.93 -6.07
C THR A 267 -1.68 1.26 -7.17
N LEU A 268 -2.31 1.18 -8.35
CA LEU A 268 -1.54 1.03 -9.58
C LEU A 268 -1.46 2.41 -10.25
N ILE A 269 -0.27 3.01 -10.19
CA ILE A 269 -0.02 4.36 -10.66
C ILE A 269 0.08 4.39 -12.18
N ALA A 270 -0.39 5.48 -12.75
CA ALA A 270 -0.22 5.69 -14.19
C ALA A 270 1.24 5.56 -14.59
N PRO A 271 1.54 4.98 -15.76
CA PRO A 271 2.92 4.83 -16.21
C PRO A 271 3.58 6.18 -16.47
N PHE A 272 4.91 6.18 -16.40
CA PHE A 272 5.69 7.26 -16.99
C PHE A 272 6.50 6.70 -18.16
N GLY A 273 5.90 6.68 -19.34
CA GLY A 273 6.60 6.27 -20.55
C GLY A 273 6.88 4.77 -20.55
N ASN A 274 7.91 4.37 -21.29
CA ASN A 274 8.35 2.99 -21.36
C ASN A 274 8.82 2.56 -19.97
N HIS A 275 9.25 3.51 -19.13
CA HIS A 275 9.78 3.24 -17.81
C HIS A 275 8.85 2.33 -17.02
N ALA A 276 9.43 1.56 -16.08
CA ALA A 276 8.75 0.50 -15.33
C ALA A 276 7.40 0.98 -14.76
N LEU A 277 6.48 0.05 -14.59
CA LEU A 277 5.20 0.33 -13.96
C LEU A 277 5.39 0.44 -12.45
N GLY A 278 4.56 1.29 -11.84
CA GLY A 278 4.69 1.59 -10.41
C GLY A 278 3.37 1.40 -9.66
N GLY A 279 3.48 1.17 -8.34
CA GLY A 279 2.34 0.81 -7.52
C GLY A 279 2.66 0.81 -6.02
N HIS A 280 1.59 0.81 -5.23
CA HIS A 280 1.71 0.93 -3.78
C HIS A 280 0.62 0.10 -3.12
N VAL A 281 0.87 -0.23 -1.85
CA VAL A 281 -0.14 -0.67 -0.92
C VAL A 281 0.18 -0.11 0.46
N TRP A 282 -0.85 0.20 1.24
CA TRP A 282 -0.66 0.77 2.57
C TRP A 282 -1.25 -0.14 3.63
N VAL A 283 -0.37 -0.71 4.47
CA VAL A 283 -0.71 -1.62 5.54
C VAL A 283 -0.58 -0.91 6.89
N PRO A 284 -1.70 -0.67 7.63
CA PRO A 284 -1.64 0.16 8.83
C PRO A 284 -1.11 -0.68 9.97
N ILE A 285 0.01 -0.25 10.54
CA ILE A 285 0.54 -0.92 11.70
C ILE A 285 -0.39 -0.68 12.90
N ASP A 286 -0.70 0.60 13.15
CA ASP A 286 -1.83 0.96 13.99
C ASP A 286 -2.49 2.21 13.44
N ASP A 287 -3.16 2.92 14.35
CA ASP A 287 -4.00 4.06 14.04
C ASP A 287 -3.13 5.26 13.68
N HIS A 288 -1.85 5.21 14.07
CA HIS A 288 -0.97 6.34 13.86
C HIS A 288 0.24 5.96 12.99
N ASN A 289 0.38 4.68 12.60
CA ASN A 289 1.51 4.23 11.81
C ASN A 289 1.08 3.32 10.66
N CYS A 290 1.87 3.33 9.57
CA CYS A 290 1.62 2.45 8.43
C CYS A 290 2.91 1.97 7.76
N TRP A 291 2.75 0.84 7.07
CA TRP A 291 3.75 0.30 6.16
C TRP A 291 3.46 0.83 4.77
N ALA A 292 4.36 1.65 4.22
CA ALA A 292 4.18 2.16 2.86
C ALA A 292 4.91 1.24 1.90
N TRP A 293 4.15 0.45 1.15
CA TRP A 293 4.71 -0.49 0.20
C TRP A 293 4.76 0.09 -1.22
N SER A 294 5.95 0.02 -1.86
CA SER A 294 6.15 0.38 -3.25
C SER A 294 6.58 -0.85 -4.07
N ILE A 295 5.83 -1.06 -5.17
CA ILE A 295 6.17 -2.08 -6.15
C ILE A 295 6.36 -1.44 -7.51
N ASN A 296 7.50 -1.73 -8.12
CA ASN A 296 7.73 -1.51 -9.54
C ASN A 296 7.76 -2.86 -10.25
N TRP A 297 7.00 -2.98 -11.34
CA TRP A 297 7.07 -4.17 -12.16
C TRP A 297 7.19 -3.76 -13.63
N GLN A 298 7.50 -4.74 -14.48
CA GLN A 298 7.65 -4.55 -15.91
C GLN A 298 7.00 -5.73 -16.67
N PRO A 299 5.83 -5.55 -17.32
CA PRO A 299 5.06 -6.70 -17.79
C PRO A 299 5.71 -7.57 -18.87
N ASP A 300 6.23 -6.91 -19.92
CA ASP A 300 6.77 -7.58 -21.10
C ASP A 300 8.12 -8.23 -20.77
N GLN A 301 9.09 -7.48 -20.21
CA GLN A 301 10.45 -7.96 -19.95
C GLN A 301 10.70 -8.00 -18.43
N PRO A 302 11.85 -8.55 -17.92
CA PRO A 302 12.28 -8.36 -16.53
C PRO A 302 13.02 -7.05 -16.32
N LEU A 303 13.26 -6.73 -15.04
CA LEU A 303 13.84 -5.47 -14.65
C LEU A 303 15.32 -5.53 -14.92
N THR A 304 15.79 -4.56 -15.71
CA THR A 304 17.21 -4.36 -15.96
C THR A 304 17.95 -4.21 -14.63
N LYS A 305 19.20 -4.71 -14.60
CA LYS A 305 20.11 -4.56 -13.48
C LYS A 305 20.22 -3.07 -13.19
N GLU A 306 20.25 -2.27 -14.25
CA GLU A 306 20.29 -0.82 -14.11
C GLU A 306 19.00 -0.32 -13.42
N GLU A 307 17.85 -0.87 -13.80
CA GLU A 307 16.59 -0.51 -13.17
C GLU A 307 16.64 -1.02 -11.74
N ARG A 308 17.10 -2.26 -11.56
CA ARG A 308 16.95 -2.87 -10.26
C ARG A 308 17.77 -2.09 -9.23
N GLN A 309 19.07 -1.91 -9.50
CA GLN A 309 19.96 -1.19 -8.60
C GLN A 309 19.30 0.14 -8.22
N SER A 310 18.94 0.92 -9.24
CA SER A 310 18.39 2.25 -9.04
C SER A 310 17.14 2.21 -8.17
N MET A 311 16.34 1.15 -8.29
CA MET A 311 15.20 0.98 -7.41
C MET A 311 15.68 0.63 -6.00
N GLU A 312 16.65 -0.28 -5.95
CA GLU A 312 17.33 -0.69 -4.73
C GLU A 312 17.94 0.54 -4.06
N GLU A 313 18.54 1.43 -4.87
CA GLU A 313 19.30 2.55 -4.34
C GLU A 313 18.39 3.53 -3.59
N GLY A 314 17.06 3.39 -3.76
CA GLY A 314 16.13 4.27 -3.08
C GLY A 314 15.60 5.37 -4.00
N LYS A 315 15.86 5.22 -5.31
CA LYS A 315 15.29 6.12 -6.28
C LYS A 315 13.86 5.65 -6.57
N GLY A 316 13.13 6.46 -7.34
CA GLY A 316 11.73 6.22 -7.61
C GLY A 316 10.90 6.28 -6.33
N ILE A 317 9.86 5.46 -6.32
CA ILE A 317 8.98 5.43 -5.17
C ILE A 317 9.70 4.78 -4.00
N HIS A 318 10.73 3.99 -4.27
CA HIS A 318 11.54 3.40 -3.19
C HIS A 318 12.27 4.52 -2.44
N VAL A 319 12.88 4.16 -1.29
CA VAL A 319 13.51 5.13 -0.41
C VAL A 319 14.72 4.51 0.28
N GLU A 320 15.80 5.30 0.32
CA GLU A 320 17.03 4.96 1.03
C GLU A 320 16.68 4.98 2.52
N TYR A 321 17.30 4.10 3.33
CA TYR A 321 16.96 3.92 4.73
C TYR A 321 18.12 4.45 5.58
N GLU A 322 17.85 4.73 6.86
CA GLU A 322 18.82 5.36 7.74
C GLU A 322 20.03 4.44 7.92
N GLU A 323 19.78 3.23 8.41
CA GLU A 323 20.84 2.25 8.61
C GLU A 323 20.40 0.95 7.96
N PRO A 324 21.32 0.02 7.61
CA PRO A 324 20.89 -1.30 7.16
C PRO A 324 19.97 -1.82 8.26
N GLY A 325 19.08 -2.72 7.90
CA GLY A 325 18.27 -3.36 8.91
C GLY A 325 17.00 -2.56 9.21
N SER A 326 17.05 -1.22 9.04
CA SER A 326 15.91 -0.36 9.41
C SER A 326 15.05 0.02 8.22
N PHE A 327 13.71 -0.09 8.35
CA PHE A 327 12.82 0.28 7.27
C PHE A 327 12.39 1.74 7.39
N ILE A 328 12.94 2.41 8.41
CA ILE A 328 12.88 3.84 8.61
C ILE A 328 13.75 4.52 7.54
N PRO A 329 13.22 5.48 6.76
CA PRO A 329 13.98 6.05 5.65
C PRO A 329 15.04 7.05 6.13
N LYS A 330 16.10 7.21 5.33
CA LYS A 330 17.24 7.99 5.75
C LYS A 330 16.77 9.42 6.06
N ALA A 331 15.98 10.00 5.15
CA ALA A 331 15.28 11.25 5.39
C ALA A 331 14.03 10.97 6.24
N ASN A 332 13.91 11.58 7.44
CA ASN A 332 12.82 11.27 8.37
C ASN A 332 12.45 12.47 9.23
N ARG A 333 11.55 12.26 10.20
CA ARG A 333 11.20 13.30 11.15
C ARG A 333 12.43 14.06 11.67
N ASN A 334 13.29 13.37 12.40
CA ASN A 334 14.58 13.88 12.87
C ASN A 334 15.39 14.66 11.82
N ASN A 335 15.65 14.07 10.66
CA ASN A 335 16.58 14.61 9.68
C ASN A 335 16.10 15.92 9.03
N ASP A 336 14.90 16.42 9.37
CA ASP A 336 14.16 17.46 8.61
C ASP A 336 14.00 17.07 7.14
N TYR A 337 13.95 15.76 6.88
CA TYR A 337 13.83 15.24 5.48
C TYR A 337 14.90 15.91 4.63
N GLY A 338 16.00 16.30 5.27
CA GLY A 338 17.09 16.95 4.58
C GLY A 338 16.55 18.10 3.79
N MET A 339 15.76 18.93 4.48
CA MET A 339 15.33 20.20 3.94
C MET A 339 16.52 20.96 3.38
N ASP A 340 16.50 21.25 2.07
CA ASP A 340 17.57 21.96 1.39
C ASP A 340 16.93 23.24 0.89
N ARG A 341 17.00 24.29 1.74
CA ARG A 341 16.36 25.55 1.45
C ARG A 341 17.13 26.21 0.29
N VAL A 342 18.42 25.91 0.14
CA VAL A 342 19.12 26.29 -1.07
C VAL A 342 18.32 25.85 -2.30
N ALA A 343 18.05 24.53 -2.36
CA ALA A 343 17.42 23.85 -3.49
C ALA A 343 16.00 24.34 -3.71
N GLN A 344 15.27 24.60 -2.62
CA GLN A 344 13.96 25.21 -2.71
C GLN A 344 14.10 26.46 -3.57
N ARG A 345 15.03 27.34 -3.17
CA ARG A 345 15.23 28.63 -3.83
C ARG A 345 15.76 28.38 -5.24
N GLU A 346 16.62 27.36 -5.40
CA GLU A 346 17.26 27.08 -6.69
C GLU A 346 16.31 26.29 -7.62
N GLU A 347 15.03 26.16 -7.21
CA GLU A 347 13.99 25.50 -7.98
C GLU A 347 14.41 24.07 -8.37
N ARG A 348 15.13 23.39 -7.48
CA ARG A 348 15.49 21.99 -7.61
C ARG A 348 14.52 21.15 -6.78
N SER A 349 13.69 21.80 -5.95
CA SER A 349 12.71 21.10 -5.13
C SER A 349 11.70 22.10 -4.58
N TYR A 350 10.42 21.79 -4.81
CA TYR A 350 9.31 22.62 -4.37
C TYR A 350 9.29 22.65 -2.84
N SER A 351 9.10 21.45 -2.24
CA SER A 351 8.98 21.26 -0.80
C SER A 351 10.28 21.62 -0.10
N GLY A 352 11.41 21.41 -0.78
CA GLY A 352 12.71 21.55 -0.14
C GLY A 352 13.24 20.16 0.19
N ILE A 353 12.36 19.17 0.13
CA ILE A 353 12.78 17.79 0.25
C ILE A 353 13.00 17.23 -1.14
N PHE A 354 14.16 16.58 -1.29
CA PHE A 354 14.47 15.75 -2.44
C PHE A 354 13.97 14.31 -2.22
N GLY A 355 13.97 13.51 -3.31
CA GLY A 355 13.49 12.13 -3.28
C GLY A 355 11.97 12.06 -3.43
N PHE A 356 11.48 11.12 -4.21
CA PHE A 356 10.02 11.08 -4.49
C PHE A 356 9.28 10.74 -3.23
N SER A 357 9.59 9.59 -2.63
CA SER A 357 8.78 9.17 -1.51
C SER A 357 8.95 10.15 -0.37
N ALA A 358 10.20 10.55 -0.13
CA ALA A 358 10.53 11.53 0.89
C ALA A 358 9.68 12.79 0.74
N GLN A 359 9.68 13.39 -0.44
CA GLN A 359 8.79 14.50 -0.72
C GLN A 359 7.37 14.17 -0.26
N ASP A 360 6.91 12.97 -0.59
CA ASP A 360 5.49 12.65 -0.31
C ASP A 360 5.28 12.42 1.18
N TYR A 361 6.01 11.48 1.79
CA TYR A 361 5.66 11.14 3.17
C TYR A 361 5.98 12.32 4.09
N SER A 362 6.99 13.13 3.76
CA SER A 362 7.27 14.32 4.54
C SER A 362 5.98 15.11 4.78
N LEU A 363 5.22 15.37 3.71
CA LEU A 363 4.04 16.22 3.81
C LEU A 363 2.97 15.48 4.58
N GLN A 364 2.86 14.20 4.24
CA GLN A 364 1.93 13.31 4.90
C GLN A 364 2.24 13.21 6.38
N GLU A 365 3.54 13.06 6.71
CA GLU A 365 3.98 12.99 8.09
C GLU A 365 3.60 14.33 8.78
N SER A 366 3.80 15.47 8.09
CA SER A 366 3.70 16.78 8.72
C SER A 366 2.27 17.09 9.20
N MET A 367 1.30 16.45 8.53
CA MET A 367 -0.11 16.62 8.87
C MET A 367 -0.39 16.22 10.31
N GLY A 368 0.52 15.43 10.88
CA GLY A 368 0.24 14.70 12.09
C GLY A 368 -0.02 13.22 11.78
N PRO A 369 0.19 12.30 12.75
CA PRO A 369 -0.17 10.91 12.59
C PRO A 369 -1.59 10.77 12.06
N ILE A 370 -2.54 11.60 12.50
CA ILE A 370 -3.85 11.69 11.83
C ILE A 370 -4.16 13.16 11.50
N GLN A 371 -4.43 13.46 10.22
CA GLN A 371 -4.72 14.83 9.83
C GLN A 371 -6.04 15.24 10.46
N ASP A 372 -6.32 16.54 10.41
CA ASP A 372 -7.47 17.09 11.09
C ASP A 372 -8.62 17.10 10.10
N HIS A 373 -9.20 15.93 9.87
CA HIS A 373 -10.24 15.79 8.89
C HIS A 373 -11.24 16.91 9.11
N ALA A 374 -11.48 17.32 10.38
CA ALA A 374 -12.31 18.48 10.68
C ALA A 374 -11.97 19.65 9.74
N ALA A 375 -10.71 20.11 9.75
CA ALA A 375 -10.32 21.36 9.10
C ALA A 375 -9.92 21.17 7.65
N GLU A 376 -10.09 19.96 7.10
CA GLU A 376 -9.85 19.69 5.69
C GLU A 376 -10.77 20.56 4.84
N ARG A 377 -10.20 21.47 4.05
CA ARG A 377 -10.94 22.09 2.96
C ARG A 377 -10.62 21.33 1.68
N LEU A 378 -11.52 20.38 1.32
CA LEU A 378 -11.32 19.57 0.14
C LEU A 378 -11.55 20.40 -1.10
N LEU A 379 -10.87 20.03 -2.16
CA LEU A 379 -10.99 20.73 -3.42
C LEU A 379 -11.40 19.76 -4.50
N PRO A 380 -11.64 20.24 -5.74
CA PRO A 380 -11.76 19.34 -6.88
C PRO A 380 -10.73 18.22 -6.89
N THR A 381 -9.46 18.56 -6.72
CA THR A 381 -8.41 17.58 -6.92
C THR A 381 -8.63 16.36 -6.02
N ASP A 382 -9.69 16.41 -5.21
CA ASP A 382 -9.83 15.50 -4.09
C ASP A 382 -10.98 14.55 -4.38
N LYS A 383 -11.40 14.49 -5.63
CA LYS A 383 -12.46 13.58 -6.03
C LYS A 383 -12.08 12.14 -5.69
N ALA A 384 -10.95 11.72 -6.26
CA ALA A 384 -10.39 10.40 -6.09
C ALA A 384 -10.53 10.01 -4.64
N ILE A 385 -10.02 10.91 -3.83
CA ILE A 385 -9.91 10.67 -2.42
C ILE A 385 -11.32 10.47 -1.85
N VAL A 386 -12.21 11.43 -2.09
CA VAL A 386 -13.54 11.41 -1.50
C VAL A 386 -14.38 10.19 -1.87
N MET A 387 -14.17 9.78 -3.13
CA MET A 387 -14.85 8.65 -3.70
C MET A 387 -14.37 7.38 -3.02
N ALA A 388 -13.03 7.30 -2.82
CA ALA A 388 -12.38 6.17 -2.18
C ALA A 388 -12.78 6.08 -0.73
N ARG A 389 -12.80 7.25 -0.09
CA ARG A 389 -13.31 7.41 1.25
C ARG A 389 -14.69 6.78 1.34
N ARG A 390 -15.68 7.40 0.70
CA ARG A 390 -17.02 6.85 0.82
C ARG A 390 -16.94 5.35 0.56
N MET A 391 -16.22 4.94 -0.48
CA MET A 391 -16.24 3.53 -0.86
C MET A 391 -15.86 2.70 0.37
N LEU A 392 -14.73 3.06 0.98
CA LEU A 392 -14.28 2.42 2.21
C LEU A 392 -15.38 2.48 3.28
N ASN A 393 -15.86 3.71 3.58
CA ASN A 393 -16.75 3.99 4.71
C ASN A 393 -18.01 3.13 4.57
N GLU A 394 -18.55 3.05 3.34
CA GLU A 394 -19.68 2.20 3.04
C GLU A 394 -19.36 0.75 3.41
N ALA A 395 -18.31 0.21 2.79
CA ALA A 395 -17.90 -1.18 2.95
C ALA A 395 -17.88 -1.59 4.42
N ALA A 396 -17.11 -0.85 5.23
CA ALA A 396 -16.90 -1.11 6.64
C ALA A 396 -18.21 -1.10 7.44
N LEU A 397 -18.91 0.06 7.40
CA LEU A 397 -20.23 0.27 7.97
C LEU A 397 -21.18 -0.80 7.48
N GLY A 398 -21.05 -1.09 6.18
CA GLY A 398 -21.72 -2.20 5.55
C GLY A 398 -21.36 -3.53 6.19
N LEU A 399 -20.06 -3.86 6.22
CA LEU A 399 -19.62 -5.11 6.81
C LEU A 399 -20.18 -5.20 8.22
N GLU A 400 -20.36 -4.04 8.87
CA GLU A 400 -20.97 -4.02 10.18
C GLU A 400 -22.36 -4.66 10.11
N GLN A 401 -23.07 -4.44 9.00
CA GLN A 401 -24.42 -4.96 8.82
C GLN A 401 -24.39 -6.34 8.15
N GLY A 402 -23.22 -6.96 8.18
CA GLY A 402 -23.07 -8.26 7.57
C GLY A 402 -23.10 -8.18 6.04
N GLU A 403 -22.73 -7.02 5.48
CA GLU A 403 -22.73 -6.90 4.04
C GLU A 403 -21.34 -7.26 3.50
N THR A 404 -21.19 -8.46 2.89
CA THR A 404 -19.92 -8.90 2.30
C THR A 404 -19.28 -7.75 1.52
N PRO A 405 -17.95 -7.52 1.62
CA PRO A 405 -17.36 -6.29 1.10
C PRO A 405 -16.92 -6.38 -0.36
N PRO A 406 -16.46 -5.26 -0.97
CA PRO A 406 -16.01 -5.26 -2.35
C PRO A 406 -14.62 -5.85 -2.66
N ALA A 407 -14.44 -6.26 -3.92
CA ALA A 407 -13.14 -6.56 -4.50
C ALA A 407 -12.44 -7.73 -3.81
N LEU A 408 -13.19 -8.68 -3.26
CA LEU A 408 -12.62 -9.89 -2.67
C LEU A 408 -12.14 -10.86 -3.77
N ASP A 409 -12.79 -10.79 -4.93
CA ASP A 409 -12.49 -11.63 -6.09
C ASP A 409 -11.27 -11.08 -6.80
N ALA A 410 -10.17 -11.84 -6.72
CA ALA A 410 -8.84 -11.42 -7.14
C ALA A 410 -8.64 -11.56 -8.65
N SER A 411 -9.56 -12.21 -9.37
CA SER A 411 -9.46 -12.27 -10.82
C SER A 411 -9.66 -10.88 -11.43
N GLU A 412 -10.54 -10.08 -10.81
CA GLU A 412 -10.91 -8.75 -11.25
C GLU A 412 -9.76 -7.75 -11.10
N GLN A 413 -8.82 -8.02 -10.20
CA GLN A 413 -7.64 -7.19 -10.03
C GLN A 413 -6.60 -7.48 -11.11
N HIS A 414 -7.00 -8.18 -12.18
CA HIS A 414 -6.15 -8.42 -13.34
C HIS A 414 -6.07 -7.17 -14.20
N VAL A 415 -5.58 -6.06 -13.63
CA VAL A 415 -5.70 -4.81 -14.35
C VAL A 415 -4.42 -4.00 -14.26
N ARG A 416 -4.35 -3.02 -15.17
CA ARG A 416 -3.22 -2.13 -15.30
C ARG A 416 -3.72 -0.69 -15.42
N PRO A 417 -2.83 0.27 -15.07
CA PRO A 417 -3.12 1.69 -15.20
C PRO A 417 -2.72 2.10 -16.60
N ALA A 418 -2.79 3.42 -16.82
CA ALA A 418 -2.70 3.94 -18.16
C ALA A 418 -2.47 5.43 -18.13
N GLY A 419 -1.84 5.88 -19.22
CA GLY A 419 -1.65 7.28 -19.54
C GLY A 419 -1.78 7.48 -21.03
N VAL A 420 -2.91 8.06 -21.41
CA VAL A 420 -3.20 8.29 -22.81
C VAL A 420 -3.55 9.76 -23.06
N LEU A 421 -3.18 10.25 -24.26
CA LEU A 421 -3.66 11.53 -24.79
C LEU A 421 -4.96 11.33 -25.56
N LEU A 422 -6.06 11.89 -25.06
CA LEU A 422 -7.35 11.67 -25.70
C LEU A 422 -7.92 13.01 -26.15
N PRO A 423 -8.47 13.09 -27.39
CA PRO A 423 -9.02 14.35 -27.85
C PRO A 423 -10.04 14.64 -26.77
N ARG A 424 -10.32 15.92 -26.63
CA ARG A 424 -11.24 16.37 -25.60
C ARG A 424 -12.62 15.82 -25.95
N ASP A 425 -12.79 15.25 -27.16
CA ASP A 425 -14.02 14.61 -27.61
C ASP A 425 -14.23 13.31 -26.83
N GLN A 426 -13.19 12.50 -26.71
CA GLN A 426 -13.43 11.13 -26.29
C GLN A 426 -13.67 11.15 -24.78
N ASP A 427 -14.81 10.61 -24.36
CA ASP A 427 -15.04 10.28 -22.97
C ASP A 427 -14.01 9.24 -22.56
N PRO A 428 -13.15 9.49 -21.58
CA PRO A 428 -12.09 8.54 -21.27
C PRO A 428 -12.67 7.23 -20.73
N VAL A 429 -13.79 7.33 -19.99
CA VAL A 429 -14.42 6.16 -19.39
C VAL A 429 -14.65 5.14 -20.48
N ALA A 430 -15.32 5.58 -21.55
CA ALA A 430 -15.62 4.76 -22.71
C ALA A 430 -14.34 4.12 -23.23
N TRP A 431 -13.34 4.98 -23.42
CA TRP A 431 -12.07 4.58 -23.97
C TRP A 431 -11.55 3.34 -23.25
N ALA A 432 -11.70 3.28 -21.91
CA ALA A 432 -11.13 2.18 -21.13
C ALA A 432 -12.01 0.92 -21.16
N ARG A 433 -13.32 1.07 -21.41
CA ARG A 433 -14.17 -0.07 -21.67
C ARG A 433 -13.66 -0.72 -22.97
N GLU A 434 -13.39 0.10 -24.00
CA GLU A 434 -12.84 -0.39 -25.25
C GLU A 434 -11.40 -0.85 -25.02
N GLU A 435 -10.50 0.09 -24.80
CA GLU A 435 -9.07 -0.13 -24.95
C GLU A 435 -8.45 -0.95 -23.81
N LEU A 436 -9.07 -0.92 -22.62
CA LEU A 436 -8.38 -1.37 -21.42
C LEU A 436 -8.94 -2.69 -20.91
N ALA A 437 -9.74 -3.39 -21.74
CA ALA A 437 -10.17 -4.74 -21.40
C ALA A 437 -8.99 -5.68 -21.60
N ASP A 438 -8.89 -6.71 -20.71
CA ASP A 438 -7.80 -7.67 -20.65
C ASP A 438 -6.43 -6.99 -20.54
N ALA A 439 -6.35 -5.92 -19.73
CA ALA A 439 -5.35 -4.88 -19.96
C ALA A 439 -3.94 -5.40 -19.69
N THR A 440 -3.85 -6.47 -18.88
CA THR A 440 -2.58 -7.11 -18.54
C THR A 440 -1.99 -7.79 -19.77
N LYS A 441 -2.90 -8.28 -20.64
CA LYS A 441 -2.50 -9.05 -21.81
C LYS A 441 -2.37 -8.15 -23.06
N LYS A 442 -2.00 -6.88 -22.87
CA LYS A 442 -2.05 -5.86 -23.91
C LYS A 442 -0.70 -5.18 -23.85
N PRO A 443 -0.44 -4.08 -24.59
CA PRO A 443 0.59 -3.14 -24.18
C PRO A 443 0.16 -2.22 -23.02
N VAL A 444 1.13 -1.48 -22.48
CA VAL A 444 0.90 -0.49 -21.45
C VAL A 444 0.66 0.78 -22.22
N PHE A 445 -0.15 1.67 -21.66
CA PHE A 445 -0.46 2.92 -22.34
C PHE A 445 0.30 4.07 -21.70
N SER A 446 1.33 4.57 -22.36
CA SER A 446 2.11 5.60 -21.73
C SER A 446 2.14 6.88 -22.55
N LEU A 447 2.10 8.00 -21.81
CA LEU A 447 2.28 9.36 -22.30
C LEU A 447 1.08 9.80 -23.15
#